data_8YWR
#
_entry.id   8YWR
#
_cell.length_a   46.550
_cell.length_b   92.860
_cell.length_c   84.630
_cell.angle_alpha   90.000
_cell.angle_beta   103.930
_cell.angle_gamma   90.000
#
_symmetry.space_group_name_H-M   'P 1 2 1'
#
loop_
_entity.id
_entity.type
_entity.pdbx_description
1 polymer Interleukin-6
2 polymer 'Heavy chain of the Fab fragment of anti-IL-6 antibody 68F2'
3 polymer 'Light chain of the Fab fragment of anti-IL-6 antibody 68F2'
4 non-polymer 'SULFATE ION'
5 water water
#
loop_
_entity_poly.entity_id
_entity_poly.type
_entity_poly.pdbx_seq_one_letter_code
_entity_poly.pdbx_strand_id
1 'polypeptide(L)'
;PHRQPLTSSERIDKQIRYILDGISALRKETCNKSNMCESSKEALAENNLNLPKMAEKDGCFQSGFNEETCLVKIITGLLE
FEVYLEYLQNRFESSEEQARAVQMSTKVLIQFLQKKAKNLDAITTPDPTTNASLLTKLQAQNQWLQDMTTHLILRSFKEF
LQSSLRALRQM
;
A
2 'polypeptide(L)'
;EVQLQESGPGLVKPSQTLSLTCTVSGGSITTRYYAWSWIRQPPGKGLEWMGVIDYDGDTYYSPSLKSRTSISWDTSKNQF
SLQLSSVTPEDTAVYYCARDPDVVTGFHYDYWGQGTQVTVSSASTKGPSVFPLAPSSKSTSGGTAALGCLVKDYFPEPVT
VSWNSGALTSGVHTFPAVLQSSGLYSLSSVVTVPSSSLGTQTYICNVNHKPSNTKVDKKVEP
;
H
3 'polypeptide(L)'
;QAVLTQPPLVSGTPGQTVTISCAGANNDIGTYAYVSWYQQLPGTAPKLLIYKVTTRASGIPSRFSGSKSGNTASLTISGL
QSEDEADYYCASYRNFNNAVFGRGTHLTVLGQPKAAPSVTLFPPSSEELQANKATLVCLISDFYPGAVTVAWKADSSPVK
AGVETTTPSKQSNNKYAASSYLSLTPEQWKSHRSYSCQVTHEGSTVEKTVAPTECS
;
L
#
# COMPACT_ATOMS: atom_id res chain seq x y z
N GLU A 10 -33.96 -5.34 1.14
CA GLU A 10 -33.49 -3.97 0.97
C GLU A 10 -34.11 -3.05 2.01
N ARG A 11 -35.29 -3.42 2.50
CA ARG A 11 -35.94 -2.62 3.54
C ARG A 11 -35.21 -2.73 4.87
N ILE A 12 -34.65 -3.91 5.17
CA ILE A 12 -33.90 -4.10 6.40
C ILE A 12 -32.68 -3.19 6.42
N ASP A 13 -32.05 -3.00 5.26
CA ASP A 13 -30.86 -2.14 5.19
C ASP A 13 -31.16 -0.74 5.70
N LYS A 14 -32.33 -0.19 5.35
CA LYS A 14 -32.68 1.14 5.81
C LYS A 14 -33.01 1.15 7.30
N GLN A 15 -33.56 0.05 7.82
CA GLN A 15 -33.92 0.01 9.22
C GLN A 15 -32.70 -0.07 10.12
N ILE A 16 -31.72 -0.89 9.75
CA ILE A 16 -30.54 -1.08 10.59
C ILE A 16 -29.66 0.16 10.56
N ARG A 17 -29.48 0.76 9.38
CA ARG A 17 -28.66 1.96 9.29
C ARG A 17 -29.30 3.13 10.04
N TYR A 18 -30.62 3.16 10.14
CA TYR A 18 -31.28 4.15 10.97
C TYR A 18 -30.90 3.97 12.43
N ILE A 19 -30.79 2.72 12.88
CA ILE A 19 -30.36 2.44 14.24
C ILE A 19 -28.89 2.78 14.42
N LEU A 20 -28.06 2.42 13.43
CA LEU A 20 -26.63 2.72 13.51
C LEU A 20 -26.39 4.22 13.62
N ASP A 21 -27.16 5.03 12.88
CA ASP A 21 -27.02 6.48 12.98
C ASP A 21 -27.54 6.99 14.31
N GLY A 22 -28.55 6.34 14.88
CA GLY A 22 -28.99 6.70 16.22
C GLY A 22 -27.94 6.39 17.27
N ILE A 23 -27.23 5.26 17.11
CA ILE A 23 -26.12 4.95 18.01
C ILE A 23 -24.99 5.94 17.81
N SER A 24 -24.67 6.28 16.56
CA SER A 24 -23.61 7.23 16.29
C SER A 24 -23.89 8.59 16.93
N ALA A 25 -25.17 8.97 17.01
CA ALA A 25 -25.52 10.23 17.65
C ALA A 25 -25.37 10.13 19.18
N LEU A 26 -25.80 9.01 19.76
CA LEU A 26 -25.71 8.84 21.21
C LEU A 26 -24.26 8.90 21.67
N ARG A 27 -23.38 8.14 21.01
CA ARG A 27 -21.97 8.15 21.38
C ARG A 27 -21.32 9.51 21.13
N LYS A 28 -21.78 10.24 20.11
CA LYS A 28 -21.28 11.59 19.89
C LYS A 28 -21.75 12.53 20.99
N GLU A 29 -22.98 12.34 21.48
CA GLU A 29 -23.44 13.10 22.64
C GLU A 29 -22.66 12.73 23.89
N THR A 30 -22.18 11.49 23.97
CA THR A 30 -21.42 11.06 25.15
C THR A 30 -19.99 11.61 25.13
N CYS A 31 -19.35 11.60 23.96
CA CYS A 31 -17.95 12.02 23.89
C CYS A 31 -17.80 13.53 24.12
N ASN A 32 -18.80 14.32 23.74
CA ASN A 32 -18.69 15.77 23.93
C ASN A 32 -18.59 16.14 25.39
N LYS A 33 -19.24 15.37 26.27
CA LYS A 33 -19.11 15.62 27.71
C LYS A 33 -17.69 15.39 28.18
N SER A 34 -17.03 14.36 27.67
CA SER A 34 -15.64 14.07 28.01
C SER A 34 -14.69 14.83 27.09
N ASN A 50 -20.32 -9.43 28.91
CA ASN A 50 -20.32 -10.44 27.86
C ASN A 50 -21.52 -10.23 26.92
N LEU A 51 -21.32 -9.40 25.90
CA LEU A 51 -22.35 -8.96 24.97
C LEU A 51 -22.43 -9.90 23.77
N PRO A 52 -23.60 -9.99 23.14
CA PRO A 52 -23.77 -10.92 22.02
C PRO A 52 -22.86 -10.59 20.85
N LYS A 53 -22.32 -11.63 20.22
CA LYS A 53 -21.49 -11.51 19.05
C LYS A 53 -21.85 -12.62 18.06
N MET A 54 -21.54 -12.39 16.79
CA MET A 54 -21.82 -13.38 15.76
C MET A 54 -20.73 -14.44 15.74
N ALA A 55 -21.14 -15.70 15.63
CA ALA A 55 -20.22 -16.82 15.58
C ALA A 55 -20.61 -17.76 14.45
N GLU A 56 -19.66 -18.59 14.02
CA GLU A 56 -19.93 -19.53 12.94
C GLU A 56 -21.01 -20.53 13.34
N LYS A 57 -21.03 -20.92 14.61
CA LYS A 57 -22.05 -21.86 15.09
C LYS A 57 -23.45 -21.33 14.88
N ASP A 58 -23.63 -20.01 14.89
CA ASP A 58 -24.96 -19.43 14.75
C ASP A 58 -25.54 -19.62 13.37
N GLY A 59 -24.72 -19.96 12.38
CA GLY A 59 -25.21 -20.21 11.04
C GLY A 59 -25.50 -18.97 10.21
N CYS A 60 -25.06 -17.79 10.67
CA CYS A 60 -25.25 -16.57 9.89
C CYS A 60 -24.20 -16.41 8.80
N PHE A 61 -23.23 -17.31 8.72
CA PHE A 61 -22.24 -17.30 7.66
C PHE A 61 -22.64 -18.30 6.57
N GLN A 62 -22.06 -18.12 5.39
CA GLN A 62 -22.44 -18.96 4.26
C GLN A 62 -22.10 -20.43 4.49
N SER A 63 -21.02 -20.69 5.21
CA SER A 63 -20.65 -22.06 5.57
C SER A 63 -21.27 -22.40 6.93
N GLY A 64 -21.99 -23.51 6.98
CA GLY A 64 -22.81 -23.80 8.14
C GLY A 64 -24.07 -22.97 8.20
N PHE A 65 -24.53 -22.45 7.06
CA PHE A 65 -25.67 -21.54 7.03
C PHE A 65 -26.93 -22.25 7.49
N ASN A 66 -27.66 -21.61 8.41
CA ASN A 66 -28.93 -22.12 8.91
C ASN A 66 -29.82 -20.90 9.15
N GLU A 67 -30.70 -20.61 8.20
CA GLU A 67 -31.51 -19.40 8.29
C GLU A 67 -32.37 -19.39 9.54
N GLU A 68 -32.93 -20.54 9.91
CA GLU A 68 -33.75 -20.61 11.11
C GLU A 68 -32.91 -20.42 12.36
N THR A 69 -31.73 -21.03 12.42
CA THR A 69 -30.85 -20.84 13.56
C THR A 69 -30.29 -19.42 13.60
N CYS A 70 -29.88 -18.90 12.45
CA CYS A 70 -29.30 -17.56 12.40
C CYS A 70 -30.32 -16.49 12.75
N LEU A 71 -31.55 -16.64 12.27
CA LEU A 71 -32.59 -15.64 12.54
C LEU A 71 -32.93 -15.59 14.02
N VAL A 72 -32.90 -16.74 14.70
CA VAL A 72 -33.14 -16.74 16.15
C VAL A 72 -32.01 -16.02 16.87
N LYS A 73 -30.77 -16.20 16.40
CA LYS A 73 -29.63 -15.53 17.04
C LYS A 73 -29.73 -14.02 16.87
N ILE A 74 -30.15 -13.55 15.70
CA ILE A 74 -30.28 -12.12 15.48
C ILE A 74 -31.35 -11.53 16.38
N ILE A 75 -32.50 -12.19 16.48
CA ILE A 75 -33.58 -11.71 17.34
C ILE A 75 -33.15 -11.76 18.80
N THR A 76 -32.51 -12.85 19.22
CA THR A 76 -32.11 -13.00 20.61
C THR A 76 -31.12 -11.92 21.02
N GLY A 77 -30.10 -11.69 20.20
CA GLY A 77 -29.11 -10.68 20.53
C GLY A 77 -29.70 -9.28 20.61
N LEU A 78 -30.59 -8.95 19.67
CA LEU A 78 -31.24 -7.64 19.69
C LEU A 78 -32.11 -7.49 20.93
N LEU A 79 -32.79 -8.56 21.34
CA LEU A 79 -33.56 -8.51 22.59
C LEU A 79 -32.65 -8.26 23.79
N GLU A 80 -31.42 -8.78 23.75
CA GLU A 80 -30.50 -8.56 24.86
C GLU A 80 -30.00 -7.12 24.87
N PHE A 81 -29.67 -6.57 23.69
CA PHE A 81 -29.27 -5.17 23.63
C PHE A 81 -30.44 -4.23 23.92
N GLU A 82 -31.67 -4.67 23.72
CA GLU A 82 -32.82 -3.80 23.96
C GLU A 82 -32.97 -3.47 25.44
N VAL A 83 -32.59 -4.38 26.33
CA VAL A 83 -32.67 -4.10 27.75
C VAL A 83 -31.43 -3.37 28.27
N TYR A 84 -30.28 -3.50 27.58
CA TYR A 84 -29.13 -2.68 27.94
C TYR A 84 -29.39 -1.22 27.61
N LEU A 85 -30.09 -0.94 26.51
CA LEU A 85 -30.55 0.42 26.24
C LEU A 85 -31.47 0.92 27.35
N GLU A 86 -32.34 0.04 27.86
CA GLU A 86 -33.26 0.43 28.91
C GLU A 86 -32.51 0.80 30.18
N TYR A 87 -31.48 0.04 30.54
CA TYR A 87 -30.68 0.36 31.71
C TYR A 87 -29.75 1.54 31.49
N LEU A 88 -29.62 2.01 30.25
CA LEU A 88 -28.79 3.18 29.94
C LEU A 88 -29.62 4.43 29.70
N GLN A 89 -30.88 4.44 30.12
CA GLN A 89 -31.70 5.64 29.96
C GLN A 89 -31.16 6.78 30.80
N ASN A 90 -30.78 6.51 32.04
CA ASN A 90 -30.20 7.53 32.90
C ASN A 90 -28.86 8.04 32.38
N ARG A 91 -28.19 7.27 31.52
CA ARG A 91 -26.92 7.72 30.96
C ARG A 91 -27.11 8.84 29.95
N PHE A 92 -28.23 8.82 29.21
CA PHE A 92 -28.53 9.86 28.23
C PHE A 92 -29.76 10.65 28.64
N GLU A 93 -29.74 11.20 29.85
CA GLU A 93 -30.90 11.94 30.33
C GLU A 93 -31.00 13.33 29.71
N SER A 94 -29.88 13.91 29.28
CA SER A 94 -29.90 15.24 28.69
C SER A 94 -30.38 15.23 27.24
N SER A 95 -30.30 14.10 26.55
CA SER A 95 -30.78 13.95 25.18
C SER A 95 -31.75 12.78 25.14
N GLU A 96 -32.87 12.94 25.83
CA GLU A 96 -33.85 11.86 25.96
C GLU A 96 -34.50 11.54 24.61
N GLU A 97 -34.62 12.52 23.73
CA GLU A 97 -35.39 12.32 22.50
C GLU A 97 -34.79 11.23 21.62
N GLN A 98 -33.46 11.19 21.52
CA GLN A 98 -32.81 10.17 20.69
C GLN A 98 -32.72 8.83 21.40
N ALA A 99 -32.54 8.82 22.73
CA ALA A 99 -32.44 7.57 23.46
C ALA A 99 -33.69 6.72 23.26
N ARG A 100 -34.86 7.35 23.21
CA ARG A 100 -36.09 6.61 22.93
C ARG A 100 -36.18 6.22 21.46
N ALA A 101 -35.58 7.02 20.57
CA ALA A 101 -35.63 6.71 19.15
C ALA A 101 -34.85 5.44 18.83
N VAL A 102 -33.70 5.26 19.46
CA VAL A 102 -32.91 4.05 19.23
C VAL A 102 -33.65 2.82 19.75
N GLN A 103 -34.35 2.96 20.88
CA GLN A 103 -35.12 1.84 21.41
C GLN A 103 -36.28 1.49 20.51
N MET A 104 -37.04 2.48 20.06
CA MET A 104 -38.19 2.21 19.20
C MET A 104 -37.74 1.64 17.86
N SER A 105 -36.63 2.13 17.32
CA SER A 105 -36.10 1.57 16.08
C SER A 105 -35.68 0.11 16.28
N THR A 106 -35.05 -0.19 17.41
CA THR A 106 -34.71 -1.57 17.72
C THR A 106 -35.95 -2.44 17.87
N LYS A 107 -36.97 -1.92 18.57
CA LYS A 107 -38.20 -2.70 18.76
C LYS A 107 -38.91 -2.94 17.43
N VAL A 108 -38.92 -1.95 16.54
CA VAL A 108 -39.51 -2.15 15.22
C VAL A 108 -38.71 -3.17 14.42
N LEU A 109 -37.38 -3.12 14.53
CA LEU A 109 -36.55 -4.11 13.85
C LEU A 109 -36.79 -5.51 14.44
N ILE A 110 -36.89 -5.61 15.76
CA ILE A 110 -37.11 -6.90 16.39
C ILE A 110 -38.47 -7.46 16.00
N GLN A 111 -39.49 -6.60 15.96
CA GLN A 111 -40.83 -7.06 15.58
C GLN A 111 -40.87 -7.56 14.14
N PHE A 112 -40.12 -6.90 13.25
CA PHE A 112 -40.10 -7.33 11.85
C PHE A 112 -39.48 -8.70 11.71
N LEU A 113 -38.35 -8.93 12.39
CA LEU A 113 -37.70 -10.24 12.31
C LEU A 113 -38.50 -11.33 13.00
N GLN A 114 -39.24 -10.97 14.05
CA GLN A 114 -40.08 -11.96 14.74
C GLN A 114 -41.22 -12.41 13.85
N LYS A 115 -41.83 -11.49 13.09
CA LYS A 115 -42.83 -11.88 12.12
C LYS A 115 -42.22 -12.68 10.97
N LYS A 116 -40.98 -12.37 10.61
CA LYS A 116 -40.28 -13.09 9.55
C LYS A 116 -39.88 -14.50 9.98
N ALA A 117 -40.03 -14.84 11.25
CA ALA A 117 -39.67 -16.14 11.80
C ALA A 117 -40.91 -16.87 12.29
N LYS A 118 -40.72 -18.09 12.77
CA LYS A 118 -41.79 -18.89 13.33
C LYS A 118 -42.25 -18.33 14.68
N THR A 130 -34.54 -13.66 32.68
CA THR A 130 -33.35 -13.49 31.84
C THR A 130 -32.73 -12.12 32.07
N ASN A 131 -33.57 -11.09 32.17
CA ASN A 131 -33.08 -9.74 32.38
C ASN A 131 -32.36 -9.60 33.73
N ALA A 132 -32.70 -10.46 34.69
CA ALA A 132 -32.02 -10.41 35.98
C ALA A 132 -30.54 -10.75 35.83
N SER A 133 -30.21 -11.68 34.93
CA SER A 133 -28.81 -12.01 34.68
C SER A 133 -28.08 -10.85 34.03
N LEU A 134 -28.74 -10.14 33.11
CA LEU A 134 -28.11 -9.01 32.45
C LEU A 134 -27.92 -7.84 33.42
N LEU A 135 -28.83 -7.65 34.36
CA LEU A 135 -28.63 -6.61 35.37
C LEU A 135 -27.52 -7.00 36.35
N THR A 136 -27.38 -8.30 36.64
CA THR A 136 -26.29 -8.74 37.51
C THR A 136 -24.93 -8.50 36.85
N LYS A 137 -24.83 -8.74 35.55
CA LYS A 137 -23.60 -8.44 34.84
C LYS A 137 -23.32 -6.94 34.84
N LEU A 138 -24.35 -6.14 34.54
CA LEU A 138 -24.15 -4.69 34.46
C LEU A 138 -23.76 -4.10 35.80
N GLN A 139 -24.24 -4.68 36.90
CA GLN A 139 -23.78 -4.25 38.22
C GLN A 139 -22.35 -4.70 38.47
N ALA A 140 -22.01 -5.92 38.05
CA ALA A 140 -20.64 -6.40 38.20
C ALA A 140 -19.65 -5.58 37.38
N GLN A 141 -20.08 -5.09 36.21
CA GLN A 141 -19.19 -4.26 35.39
C GLN A 141 -18.84 -2.96 36.11
N ASN A 142 -19.81 -2.38 36.82
CA ASN A 142 -19.59 -1.09 37.46
C ASN A 142 -18.76 -1.20 38.73
N GLN A 143 -18.85 -2.32 39.44
CA GLN A 143 -17.94 -2.55 40.57
C GLN A 143 -16.50 -2.70 40.07
N TRP A 144 -16.32 -3.41 38.96
CA TRP A 144 -14.98 -3.58 38.39
C TRP A 144 -14.35 -2.24 38.04
N LEU A 145 -15.17 -1.26 37.63
CA LEU A 145 -14.63 0.07 37.35
C LEU A 145 -14.38 0.85 38.62
N GLN A 146 -15.27 0.74 39.61
CA GLN A 146 -15.08 1.45 40.87
C GLN A 146 -13.91 0.86 41.66
N ASP A 147 -13.77 -0.47 41.67
CA ASP A 147 -12.58 -1.08 42.23
C ASP A 147 -11.33 -0.62 41.48
N MET A 148 -11.45 -0.44 40.17
CA MET A 148 -10.32 0.05 39.38
C MET A 148 -9.91 1.45 39.79
N THR A 149 -10.88 2.33 40.03
CA THR A 149 -10.57 3.65 40.57
C THR A 149 -10.03 3.54 41.99
N THR A 150 -10.57 2.59 42.77
CA THR A 150 -10.10 2.41 44.13
C THR A 150 -8.64 1.99 44.18
N HIS A 151 -8.25 1.04 43.32
CA HIS A 151 -6.85 0.63 43.27
C HIS A 151 -5.95 1.75 42.79
N LEU A 152 -6.40 2.52 41.79
CA LEU A 152 -5.61 3.65 41.31
C LEU A 152 -5.30 4.63 42.42
N ILE A 153 -6.29 4.94 43.25
CA ILE A 153 -6.09 5.89 44.34
C ILE A 153 -5.17 5.30 45.40
N LEU A 154 -5.39 4.04 45.76
CA LEU A 154 -4.61 3.43 46.84
C LEU A 154 -3.19 3.10 46.40
N ARG A 155 -3.02 2.68 45.15
CA ARG A 155 -1.68 2.40 44.65
C ARG A 155 -0.85 3.68 44.59
N SER A 156 -1.45 4.78 44.14
CA SER A 156 -0.74 6.06 44.14
C SER A 156 -0.47 6.54 45.55
N PHE A 157 -1.40 6.27 46.48
CA PHE A 157 -1.14 6.54 47.89
C PHE A 157 0.05 5.73 48.38
N LYS A 158 0.09 4.45 48.02
CA LYS A 158 1.23 3.61 48.36
C LYS A 158 2.51 4.15 47.76
N GLU A 159 2.47 4.52 46.47
CA GLU A 159 3.66 5.00 45.78
C GLU A 159 4.15 6.32 46.35
N PHE A 160 3.22 7.23 46.66
CA PHE A 160 3.61 8.51 47.26
C PHE A 160 4.19 8.31 48.65
N LEU A 161 3.67 7.34 49.41
CA LEU A 161 4.23 7.05 50.72
C LEU A 161 5.65 6.50 50.61
N GLN A 162 5.91 5.68 49.59
CA GLN A 162 7.27 5.19 49.36
C GLN A 162 8.23 6.35 49.13
N SER A 163 7.84 7.30 48.28
CA SER A 163 8.68 8.47 48.04
C SER A 163 8.83 9.32 49.30
N SER A 164 7.79 9.38 50.13
CA SER A 164 7.87 10.16 51.36
C SER A 164 8.89 9.55 52.32
N LEU A 165 8.85 8.22 52.49
CA LEU A 165 9.80 7.56 53.37
C LEU A 165 11.23 7.70 52.87
N ARG A 166 11.43 7.53 51.57
CA ARG A 166 12.76 7.71 50.99
C ARG A 166 13.27 9.13 51.18
N ALA A 167 12.37 10.12 51.14
CA ALA A 167 12.77 11.51 51.34
C ALA A 167 13.03 11.80 52.81
N LEU A 168 12.10 11.43 53.69
CA LEU A 168 12.28 11.63 55.12
C LEU A 168 13.45 10.82 55.67
N ARG A 169 13.82 9.72 55.02
CA ARG A 169 14.98 8.95 55.45
C ARG A 169 16.27 9.77 55.38
N GLN A 170 16.32 10.76 54.47
CA GLN A 170 17.52 11.57 54.29
C GLN A 170 17.57 12.78 55.21
N MET A 171 16.42 13.36 55.54
CA MET A 171 16.39 14.55 56.39
C MET A 171 17.03 14.31 57.75
N GLU B 1 -13.93 14.74 -6.41
CA GLU B 1 -13.23 13.49 -6.65
C GLU B 1 -12.36 13.11 -5.45
N VAL B 2 -12.52 11.88 -4.98
CA VAL B 2 -11.82 11.45 -3.76
C VAL B 2 -10.35 11.21 -4.08
N GLN B 3 -9.47 11.82 -3.27
CA GLN B 3 -8.03 11.69 -3.45
C GLN B 3 -7.38 11.41 -2.10
N LEU B 4 -6.44 10.47 -2.09
CA LEU B 4 -5.71 10.09 -0.88
C LEU B 4 -4.22 10.34 -1.08
N GLN B 5 -3.57 10.87 -0.04
CA GLN B 5 -2.16 11.24 -0.12
C GLN B 5 -1.45 10.80 1.15
N GLU B 6 -0.37 10.03 0.97
CA GLU B 6 0.44 9.57 2.09
C GLU B 6 1.60 10.53 2.34
N SER B 7 1.93 10.72 3.61
CA SER B 7 3.04 11.58 4.02
C SER B 7 3.77 10.92 5.17
N GLY B 8 5.10 10.95 5.13
CA GLY B 8 5.89 10.39 6.20
C GLY B 8 7.37 10.30 5.89
N PRO B 9 8.17 10.04 6.93
CA PRO B 9 9.63 9.94 6.73
C PRO B 9 9.99 8.68 5.96
N GLY B 10 10.91 8.84 5.01
CA GLY B 10 11.35 7.71 4.21
C GLY B 10 12.34 6.79 4.89
N LEU B 11 12.81 7.15 6.08
CA LEU B 11 13.80 6.36 6.79
C LEU B 11 13.46 6.35 8.28
N VAL B 12 13.42 5.16 8.86
CA VAL B 12 13.19 4.99 10.29
C VAL B 12 14.18 3.95 10.81
N LYS B 13 14.77 4.23 11.98
CA LYS B 13 15.80 3.33 12.48
C LYS B 13 15.17 2.17 13.26
N PRO B 14 15.87 1.04 13.36
CA PRO B 14 15.31 -0.11 14.08
C PRO B 14 14.99 0.24 15.52
N SER B 15 13.90 -0.37 16.03
CA SER B 15 13.40 -0.23 17.39
C SER B 15 12.69 1.11 17.59
N GLN B 16 12.90 2.07 16.68
CA GLN B 16 12.09 3.28 16.71
C GLN B 16 10.67 2.97 16.21
N THR B 17 9.80 3.97 16.28
CA THR B 17 8.41 3.81 15.87
C THR B 17 8.16 4.52 14.55
N LEU B 18 7.33 3.92 13.71
CA LEU B 18 7.03 4.40 12.37
C LEU B 18 5.71 5.17 12.39
N SER B 19 5.74 6.41 11.89
CA SER B 19 4.57 7.27 11.88
C SER B 19 4.32 7.78 10.47
N LEU B 20 3.11 7.55 9.97
CA LEU B 20 2.68 8.04 8.66
C LEU B 20 1.32 8.70 8.81
N THR B 21 1.00 9.59 7.87
CA THR B 21 -0.25 10.32 7.86
C THR B 21 -0.83 10.33 6.46
N CYS B 22 -2.13 10.04 6.37
CA CYS B 22 -2.87 10.07 5.11
C CYS B 22 -3.81 11.26 5.13
N THR B 23 -3.72 12.09 4.10
CA THR B 23 -4.55 13.28 3.96
C THR B 23 -5.62 13.03 2.90
N VAL B 24 -6.89 13.22 3.29
CA VAL B 24 -8.03 12.90 2.44
C VAL B 24 -8.57 14.18 1.82
N SER B 25 -8.77 14.16 0.50
CA SER B 25 -9.30 15.29 -0.24
C SER B 25 -10.55 14.85 -1.00
N GLY B 26 -11.50 15.77 -1.12
CA GLY B 26 -12.72 15.49 -1.85
C GLY B 26 -13.80 14.78 -1.06
N GLY B 27 -13.65 14.66 0.25
CA GLY B 27 -14.64 14.00 1.06
C GLY B 27 -14.28 13.93 2.53
N SER B 28 -15.28 14.07 3.40
CA SER B 28 -15.03 14.02 4.82
C SER B 28 -14.80 12.58 5.27
N ILE B 29 -13.85 12.40 6.20
CA ILE B 29 -13.60 11.07 6.75
C ILE B 29 -14.63 10.68 7.80
N THR B 30 -15.46 11.61 8.25
CA THR B 30 -16.54 11.33 9.18
C THR B 30 -17.86 11.04 8.48
N THR B 31 -17.86 10.95 7.16
CA THR B 31 -19.09 10.74 6.40
C THR B 31 -19.48 9.27 6.42
N ARG B 32 -20.77 9.02 6.61
CA ARG B 32 -21.30 7.67 6.51
C ARG B 32 -21.24 7.19 5.07
N TYR B 33 -20.83 5.94 4.88
CA TYR B 33 -20.40 4.98 5.89
C TYR B 33 -19.00 4.48 5.57
N TYR B 34 -18.04 5.41 5.58
CA TYR B 34 -16.70 5.12 5.09
C TYR B 34 -15.81 4.55 6.18
N ALA B 35 -14.82 3.77 5.74
CA ALA B 35 -13.76 3.27 6.60
C ALA B 35 -12.43 3.57 5.94
N TRP B 36 -11.43 3.87 6.75
CA TRP B 36 -10.13 4.31 6.27
C TRP B 36 -9.06 3.36 6.79
N SER B 37 -8.40 2.67 5.87
CA SER B 37 -7.51 1.56 6.21
C SER B 37 -6.08 1.84 5.80
N TRP B 38 -5.16 1.08 6.36
CA TRP B 38 -3.75 1.09 6.00
C TRP B 38 -3.37 -0.29 5.47
N ILE B 39 -2.75 -0.31 4.30
CA ILE B 39 -2.23 -1.54 3.70
C ILE B 39 -0.79 -1.29 3.31
N ARG B 40 0.08 -2.25 3.62
CA ARG B 40 1.50 -2.13 3.33
C ARG B 40 1.96 -3.27 2.43
N GLN B 41 3.02 -3.00 1.67
CA GLN B 41 3.55 -3.97 0.70
C GLN B 41 5.06 -4.01 0.81
N PRO B 42 5.63 -5.03 1.46
CA PRO B 42 7.08 -5.20 1.42
C PRO B 42 7.55 -5.38 0.00
N PRO B 43 8.81 -5.02 -0.30
CA PRO B 43 9.28 -5.08 -1.68
C PRO B 43 9.24 -6.50 -2.23
N GLY B 44 8.62 -6.64 -3.40
CA GLY B 44 8.47 -7.94 -4.01
C GLY B 44 7.60 -8.92 -3.26
N LYS B 45 6.73 -8.42 -2.37
CA LYS B 45 5.86 -9.26 -1.57
C LYS B 45 4.42 -8.77 -1.69
N GLY B 46 3.51 -9.44 -1.00
CA GLY B 46 2.10 -9.14 -1.15
C GLY B 46 1.60 -8.02 -0.23
N LEU B 47 0.35 -7.65 -0.45
CA LEU B 47 -0.30 -6.61 0.35
C LEU B 47 -0.73 -7.17 1.70
N GLU B 48 -0.45 -6.42 2.77
CA GLU B 48 -0.84 -6.79 4.12
C GLU B 48 -1.79 -5.74 4.68
N TRP B 49 -3.00 -6.16 5.01
CA TRP B 49 -3.99 -5.27 5.61
C TRP B 49 -3.67 -5.12 7.09
N MET B 50 -3.49 -3.87 7.54
CA MET B 50 -3.05 -3.60 8.90
C MET B 50 -4.22 -3.24 9.82
N GLY B 51 -4.90 -2.14 9.53
CA GLY B 51 -5.99 -1.70 10.38
C GLY B 51 -6.94 -0.80 9.60
N VAL B 52 -7.93 -0.27 10.32
CA VAL B 52 -8.97 0.55 9.71
C VAL B 52 -9.63 1.37 10.80
N ILE B 53 -10.12 2.55 10.42
CA ILE B 53 -10.84 3.43 11.33
C ILE B 53 -12.18 3.81 10.70
N ASP B 54 -13.25 3.75 11.50
CA ASP B 54 -14.60 3.98 11.02
C ASP B 54 -14.84 5.46 10.75
N TYR B 55 -16.03 5.76 10.24
CA TYR B 55 -16.51 7.15 10.23
C TYR B 55 -16.88 7.60 11.63
N ASP B 56 -17.23 6.64 12.51
CA ASP B 56 -17.45 6.94 13.92
C ASP B 56 -16.15 7.11 14.68
N GLY B 57 -15.03 6.67 14.12
CA GLY B 57 -13.75 6.72 14.80
C GLY B 57 -13.29 5.41 15.40
N ASP B 58 -14.09 4.34 15.27
CA ASP B 58 -13.72 3.05 15.84
C ASP B 58 -12.64 2.39 15.00
N THR B 59 -11.70 1.74 15.66
CA THR B 59 -10.54 1.14 15.01
C THR B 59 -10.60 -0.38 15.13
N TYR B 60 -10.15 -1.06 14.07
CA TYR B 60 -10.04 -2.50 14.04
C TYR B 60 -8.72 -2.88 13.42
N TYR B 61 -8.04 -3.87 14.00
CA TYR B 61 -6.66 -4.18 13.65
C TYR B 61 -6.52 -5.65 13.28
N SER B 62 -5.50 -5.93 12.46
CA SER B 62 -5.14 -7.30 12.17
C SER B 62 -4.58 -7.97 13.43
N PRO B 63 -4.94 -9.23 13.68
CA PRO B 63 -4.39 -9.91 14.87
C PRO B 63 -2.88 -10.00 14.87
N SER B 64 -2.26 -10.11 13.70
CA SER B 64 -0.81 -10.18 13.64
C SER B 64 -0.15 -8.88 14.08
N LEU B 65 -0.81 -7.74 13.82
CA LEU B 65 -0.22 -6.44 14.07
C LEU B 65 -0.85 -5.70 15.23
N LYS B 66 -1.80 -6.30 15.93
CA LYS B 66 -2.55 -5.59 16.96
C LYS B 66 -1.69 -5.11 18.12
N SER B 67 -0.54 -5.74 18.37
CA SER B 67 0.26 -5.39 19.54
C SER B 67 1.04 -4.10 19.35
N ARG B 68 1.42 -3.77 18.11
CA ARG B 68 2.31 -2.64 17.86
C ARG B 68 1.77 -1.68 16.82
N THR B 69 0.50 -1.77 16.46
CA THR B 69 -0.11 -0.92 15.45
C THR B 69 -1.22 -0.09 16.09
N SER B 70 -1.23 1.20 15.77
CA SER B 70 -2.23 2.13 16.28
C SER B 70 -2.67 3.06 15.16
N ILE B 71 -3.97 3.32 15.09
CA ILE B 71 -4.54 4.17 14.06
C ILE B 71 -5.40 5.22 14.73
N SER B 72 -5.11 6.49 14.44
CA SER B 72 -5.86 7.63 14.96
C SER B 72 -6.20 8.55 13.79
N TRP B 73 -6.93 9.62 14.08
CA TRP B 73 -7.26 10.58 13.04
C TRP B 73 -7.39 11.97 13.64
N ASP B 74 -7.38 12.98 12.76
CA ASP B 74 -7.64 14.37 13.12
C ASP B 74 -8.70 14.87 12.15
N THR B 75 -9.95 14.96 12.61
CA THR B 75 -11.05 15.33 11.73
C THR B 75 -10.91 16.75 11.21
N SER B 76 -10.26 17.64 11.96
CA SER B 76 -10.12 19.02 11.53
C SER B 76 -9.22 19.14 10.32
N LYS B 77 -8.21 18.29 10.20
CA LYS B 77 -7.33 18.26 9.04
C LYS B 77 -7.77 17.23 8.00
N ASN B 78 -8.85 16.48 8.28
CA ASN B 78 -9.34 15.42 7.41
C ASN B 78 -8.23 14.40 7.13
N GLN B 79 -7.52 14.02 8.19
CA GLN B 79 -6.41 13.09 8.11
C GLN B 79 -6.60 11.95 9.10
N PHE B 80 -6.07 10.78 8.74
CA PHE B 80 -5.91 9.68 9.67
C PHE B 80 -4.49 9.16 9.56
N SER B 81 -3.91 8.77 10.69
CA SER B 81 -2.49 8.48 10.78
C SER B 81 -2.26 7.06 11.29
N LEU B 82 -1.05 6.56 11.02
CA LEU B 82 -0.63 5.22 11.42
C LEU B 82 0.60 5.33 12.32
N GLN B 83 0.65 4.47 13.34
CA GLN B 83 1.81 4.35 14.21
C GLN B 83 2.17 2.88 14.37
N LEU B 84 3.40 2.53 13.98
CA LEU B 84 3.91 1.18 14.10
C LEU B 84 5.08 1.20 15.07
N SER B 85 5.08 0.27 16.03
CA SER B 85 6.04 0.27 17.12
C SER B 85 7.13 -0.77 16.90
N SER B 86 8.31 -0.46 17.43
CA SER B 86 9.45 -1.39 17.44
C SER B 86 9.72 -1.96 16.05
N VAL B 87 9.91 -1.06 15.09
CA VAL B 87 10.00 -1.46 13.70
C VAL B 87 11.28 -2.26 13.46
N THR B 88 11.21 -3.15 12.47
CA THR B 88 12.31 -4.01 12.05
C THR B 88 12.40 -3.95 10.54
N PRO B 89 13.50 -4.48 9.95
CA PRO B 89 13.58 -4.54 8.48
C PRO B 89 12.41 -5.27 7.84
N GLU B 90 11.72 -6.11 8.62
CA GLU B 90 10.50 -6.74 8.15
C GLU B 90 9.39 -5.73 7.91
N ASP B 91 9.53 -4.50 8.41
CA ASP B 91 8.55 -3.44 8.22
C ASP B 91 8.90 -2.50 7.07
N THR B 92 10.02 -2.72 6.39
CA THR B 92 10.35 -1.96 5.19
C THR B 92 9.33 -2.27 4.10
N ALA B 93 8.51 -1.27 3.74
CA ALA B 93 7.42 -1.52 2.83
C ALA B 93 6.90 -0.20 2.28
N VAL B 94 6.19 -0.29 1.16
CA VAL B 94 5.37 0.81 0.68
C VAL B 94 4.04 0.76 1.40
N TYR B 95 3.65 1.87 2.03
CA TYR B 95 2.44 1.92 2.83
C TYR B 95 1.35 2.66 2.08
N TYR B 96 0.17 2.05 2.02
CA TYR B 96 -0.98 2.59 1.31
C TYR B 96 -2.09 2.90 2.29
N CYS B 97 -2.78 4.01 2.06
CA CYS B 97 -4.05 4.29 2.69
C CYS B 97 -5.15 4.22 1.65
N ALA B 98 -6.25 3.57 2.00
CA ALA B 98 -7.33 3.33 1.05
C ALA B 98 -8.67 3.54 1.75
N ARG B 99 -9.69 3.83 0.93
CA ARG B 99 -11.03 4.08 1.43
C ARG B 99 -11.92 2.86 1.24
N ASP B 100 -12.71 2.55 2.27
CA ASP B 100 -13.77 1.56 2.17
C ASP B 100 -15.08 2.28 1.88
N PRO B 101 -15.73 2.04 0.74
CA PRO B 101 -16.94 2.80 0.40
C PRO B 101 -18.11 2.53 1.33
N ASP B 102 -18.14 1.39 2.03
CA ASP B 102 -19.24 1.11 2.96
C ASP B 102 -18.74 0.04 3.93
N VAL B 103 -18.28 0.48 5.11
CA VAL B 103 -17.79 -0.43 6.12
C VAL B 103 -18.88 -1.36 6.63
N VAL B 104 -20.14 -0.94 6.53
CA VAL B 104 -21.24 -1.73 7.08
C VAL B 104 -21.41 -3.02 6.29
N THR B 105 -21.39 -2.93 4.97
CA THR B 105 -21.66 -4.11 4.15
C THR B 105 -20.52 -4.44 3.19
N GLY B 106 -19.29 -4.48 3.68
CA GLY B 106 -18.19 -4.92 2.84
C GLY B 106 -16.86 -4.29 3.20
N PHE B 107 -15.80 -5.08 3.01
CA PHE B 107 -14.42 -4.64 3.25
C PHE B 107 -13.66 -4.77 1.93
N HIS B 108 -13.90 -3.82 1.04
CA HIS B 108 -13.11 -3.66 -0.18
C HIS B 108 -12.81 -2.18 -0.33
N TYR B 109 -11.79 -1.87 -1.13
CA TYR B 109 -11.22 -0.51 -1.17
C TYR B 109 -11.11 -0.04 -2.60
N ASP B 110 -11.88 1.00 -2.94
CA ASP B 110 -11.96 1.52 -4.30
C ASP B 110 -10.92 2.61 -4.55
N TYR B 111 -10.78 3.56 -3.64
CA TYR B 111 -9.85 4.67 -3.78
C TYR B 111 -8.59 4.39 -2.95
N TRP B 112 -7.44 4.43 -3.60
CA TRP B 112 -6.16 4.17 -2.98
C TRP B 112 -5.29 5.41 -3.05
N GLY B 113 -4.39 5.54 -2.09
CA GLY B 113 -3.38 6.58 -2.14
C GLY B 113 -2.30 6.22 -3.13
N GLN B 114 -1.31 7.11 -3.22
CA GLN B 114 -0.18 6.88 -4.11
C GLN B 114 0.89 5.98 -3.48
N GLY B 115 0.80 5.71 -2.18
CA GLY B 115 1.78 4.90 -1.52
C GLY B 115 3.06 5.65 -1.17
N THR B 116 3.58 5.42 0.03
CA THR B 116 4.84 6.01 0.47
C THR B 116 5.76 4.90 0.93
N GLN B 117 7.03 4.98 0.54
CA GLN B 117 7.99 3.94 0.87
C GLN B 117 8.73 4.30 2.16
N VAL B 118 8.81 3.34 3.07
CA VAL B 118 9.53 3.49 4.32
C VAL B 118 10.59 2.40 4.39
N THR B 119 11.83 2.79 4.58
CA THR B 119 12.94 1.86 4.74
C THR B 119 13.38 1.85 6.20
N VAL B 120 13.42 0.67 6.80
CA VAL B 120 13.91 0.50 8.16
C VAL B 120 15.41 0.19 8.09
N SER B 121 16.23 1.06 8.66
CA SER B 121 17.67 0.92 8.62
C SER B 121 18.31 1.89 9.60
N SER B 122 19.43 1.48 10.19
CA SER B 122 20.19 2.37 11.04
C SER B 122 21.07 3.34 10.26
N ALA B 123 21.15 3.15 8.94
CA ALA B 123 22.00 4.00 8.11
C ALA B 123 21.45 5.43 8.06
N SER B 124 22.30 6.34 7.57
CA SER B 124 21.94 7.75 7.50
C SER B 124 21.36 8.10 6.13
N THR B 125 20.53 9.13 6.13
CA THR B 125 19.97 9.62 4.88
C THR B 125 21.05 10.34 4.07
N LYS B 126 21.21 9.94 2.81
CA LYS B 126 22.19 10.53 1.91
C LYS B 126 21.47 11.22 0.76
N GLY B 127 21.78 12.50 0.56
CA GLY B 127 21.17 13.26 -0.51
C GLY B 127 21.75 12.90 -1.86
N PRO B 128 20.93 13.00 -2.90
CA PRO B 128 21.40 12.62 -4.24
C PRO B 128 22.18 13.74 -4.91
N SER B 129 23.05 13.32 -5.83
CA SER B 129 23.81 14.24 -6.67
C SER B 129 23.39 14.01 -8.11
N VAL B 130 23.00 15.09 -8.79
CA VAL B 130 22.44 15.01 -10.14
C VAL B 130 23.47 15.56 -11.13
N PHE B 131 23.77 14.78 -12.16
CA PHE B 131 24.66 15.18 -13.22
C PHE B 131 23.97 15.03 -14.58
N PRO B 132 24.10 16.02 -15.46
CA PRO B 132 23.42 15.94 -16.76
C PRO B 132 24.12 14.97 -17.71
N LEU B 133 23.32 14.27 -18.52
CA LEU B 133 23.81 13.35 -19.54
C LEU B 133 23.54 14.00 -20.89
N ALA B 134 24.59 14.54 -21.50
CA ALA B 134 24.45 15.35 -22.70
C ALA B 134 23.96 14.51 -23.88
N PRO B 135 23.13 15.09 -24.75
CA PRO B 135 22.72 14.39 -25.97
C PRO B 135 23.89 14.31 -26.96
N SER B 136 23.85 13.27 -27.78
CA SER B 136 24.92 13.03 -28.73
C SER B 136 24.97 14.13 -29.79
N SER B 137 26.18 14.57 -30.11
CA SER B 137 26.39 15.59 -31.12
C SER B 137 27.83 15.57 -31.63
N GLY B 142 14.95 7.00 -37.32
CA GLY B 142 16.10 7.86 -37.49
C GLY B 142 15.82 9.32 -37.22
N GLY B 143 16.77 10.00 -36.60
CA GLY B 143 16.66 11.42 -36.33
C GLY B 143 16.34 11.80 -34.90
N THR B 144 16.60 10.92 -33.93
CA THR B 144 16.34 11.19 -32.54
C THR B 144 17.64 11.11 -31.73
N ALA B 145 17.62 11.73 -30.55
CA ALA B 145 18.75 11.73 -29.65
C ALA B 145 18.28 11.42 -28.24
N ALA B 146 19.17 10.80 -27.46
CA ALA B 146 18.90 10.45 -26.08
C ALA B 146 19.67 11.38 -25.15
N LEU B 147 18.96 11.98 -24.20
CA LEU B 147 19.57 12.79 -23.16
C LEU B 147 18.94 12.43 -21.83
N GLY B 148 19.65 12.69 -20.75
CA GLY B 148 19.14 12.28 -19.46
C GLY B 148 19.88 12.90 -18.31
N CYS B 149 19.64 12.34 -17.12
CA CYS B 149 20.23 12.80 -15.88
C CYS B 149 20.70 11.61 -15.06
N LEU B 150 21.84 11.77 -14.38
CA LEU B 150 22.39 10.74 -13.52
C LEU B 150 22.24 11.17 -12.07
N VAL B 151 21.48 10.39 -11.30
CA VAL B 151 21.27 10.63 -9.88
C VAL B 151 22.15 9.67 -9.11
N LYS B 152 23.05 10.19 -8.28
CA LYS B 152 24.17 9.41 -7.76
C LYS B 152 24.24 9.48 -6.24
N ASP B 153 24.50 8.33 -5.63
CA ASP B 153 24.79 8.22 -4.21
C ASP B 153 23.70 8.83 -3.32
N TYR B 154 22.58 8.14 -3.15
CA TYR B 154 21.52 8.58 -2.26
C TYR B 154 21.00 7.40 -1.46
N PHE B 155 20.38 7.69 -0.32
CA PHE B 155 19.81 6.63 0.52
C PHE B 155 18.75 7.24 1.41
N PRO B 156 17.61 6.58 1.61
CA PRO B 156 17.18 5.35 0.95
C PRO B 156 16.37 5.64 -0.31
N GLU B 157 15.79 4.63 -0.93
CA GLU B 157 14.88 4.85 -2.03
C GLU B 157 13.55 5.39 -1.50
N PRO B 158 12.74 6.02 -2.37
CA PRO B 158 12.90 6.23 -3.81
C PRO B 158 13.37 7.62 -4.20
N VAL B 159 13.71 7.78 -5.48
CA VAL B 159 14.01 9.07 -6.09
C VAL B 159 13.00 9.29 -7.21
N THR B 160 12.39 10.48 -7.23
CA THR B 160 11.41 10.84 -8.24
C THR B 160 12.06 11.75 -9.27
N VAL B 161 11.96 11.39 -10.55
CA VAL B 161 12.53 12.16 -11.64
C VAL B 161 11.43 12.48 -12.64
N SER B 162 11.18 13.77 -12.85
CA SER B 162 10.28 14.24 -13.89
C SER B 162 11.06 15.14 -14.84
N TRP B 163 10.42 15.49 -15.95
CA TRP B 163 11.06 16.29 -16.99
C TRP B 163 10.16 17.47 -17.34
N ASN B 164 10.74 18.68 -17.29
CA ASN B 164 10.01 19.93 -17.54
C ASN B 164 8.80 20.04 -16.62
N SER B 165 8.99 19.70 -15.35
CA SER B 165 7.95 19.79 -14.31
C SER B 165 6.72 18.97 -14.68
N GLY B 166 6.95 17.77 -15.18
CA GLY B 166 5.87 16.86 -15.54
C GLY B 166 5.26 17.08 -16.90
N ALA B 167 5.65 18.13 -17.62
CA ALA B 167 5.10 18.35 -18.95
C ALA B 167 5.59 17.31 -19.94
N LEU B 168 6.86 16.93 -19.86
CA LEU B 168 7.45 15.97 -20.78
C LEU B 168 7.37 14.58 -20.15
N THR B 169 6.48 13.73 -20.67
CA THR B 169 6.34 12.36 -20.21
C THR B 169 6.53 11.33 -21.32
N SER B 170 6.25 11.69 -22.58
CA SER B 170 6.43 10.76 -23.68
C SER B 170 7.90 10.63 -24.03
N GLY B 171 8.33 9.38 -24.25
CA GLY B 171 9.72 9.11 -24.54
C GLY B 171 10.64 9.12 -23.34
N VAL B 172 10.08 9.22 -22.14
CA VAL B 172 10.88 9.24 -20.92
C VAL B 172 10.95 7.82 -20.36
N HIS B 173 12.18 7.37 -20.06
CA HIS B 173 12.40 6.07 -19.46
C HIS B 173 13.31 6.26 -18.24
N THR B 174 12.74 6.07 -17.05
CA THR B 174 13.51 6.09 -15.81
C THR B 174 13.78 4.65 -15.40
N PHE B 175 15.05 4.30 -15.28
CA PHE B 175 15.46 2.95 -14.95
C PHE B 175 15.44 2.73 -13.44
N PRO B 176 15.22 1.50 -12.99
CA PRO B 176 15.33 1.22 -11.55
C PRO B 176 16.76 1.39 -11.07
N ALA B 177 16.91 1.77 -9.81
CA ALA B 177 18.21 2.15 -9.29
C ALA B 177 19.09 0.94 -9.04
N VAL B 178 20.41 1.16 -9.06
CA VAL B 178 21.40 0.15 -8.74
C VAL B 178 21.74 0.28 -7.26
N LEU B 179 21.86 -0.86 -6.57
CA LEU B 179 22.35 -0.88 -5.20
C LEU B 179 23.86 -1.09 -5.26
N GLN B 180 24.62 -0.08 -4.85
CA GLN B 180 26.07 -0.16 -4.88
C GLN B 180 26.58 -1.06 -3.76
N SER B 181 27.88 -1.38 -3.84
CA SER B 181 28.52 -2.09 -2.74
C SER B 181 28.56 -1.25 -1.47
N SER B 182 28.60 0.08 -1.62
CA SER B 182 28.62 0.97 -0.47
C SER B 182 27.27 1.06 0.24
N GLY B 183 26.21 0.51 -0.35
CA GLY B 183 24.88 0.60 0.21
C GLY B 183 24.07 1.79 -0.27
N LEU B 184 24.62 2.62 -1.15
CA LEU B 184 23.93 3.78 -1.69
C LEU B 184 23.31 3.43 -3.05
N TYR B 185 22.28 4.19 -3.41
CA TYR B 185 21.55 3.97 -4.64
C TYR B 185 21.93 5.01 -5.69
N SER B 186 21.79 4.63 -6.96
CA SER B 186 22.02 5.52 -8.09
C SER B 186 21.15 5.05 -9.24
N LEU B 187 20.53 6.00 -9.94
CA LEU B 187 19.70 5.68 -11.09
C LEU B 187 19.90 6.73 -12.17
N SER B 188 19.31 6.46 -13.34
CA SER B 188 19.35 7.37 -14.46
C SER B 188 17.97 7.43 -15.11
N SER B 189 17.62 8.61 -15.62
CA SER B 189 16.38 8.81 -16.36
C SER B 189 16.74 9.44 -17.69
N VAL B 190 16.26 8.84 -18.79
CA VAL B 190 16.60 9.26 -20.14
C VAL B 190 15.34 9.53 -20.92
N VAL B 191 15.31 10.66 -21.63
CA VAL B 191 14.21 11.02 -22.51
C VAL B 191 14.73 11.04 -23.94
N THR B 192 14.00 10.42 -24.85
CA THR B 192 14.35 10.40 -26.27
C THR B 192 13.57 11.50 -26.98
N VAL B 193 14.30 12.40 -27.64
CA VAL B 193 13.70 13.57 -28.27
C VAL B 193 14.22 13.65 -29.70
N PRO B 194 13.53 14.41 -30.55
CA PRO B 194 14.06 14.64 -31.91
C PRO B 194 15.31 15.51 -31.87
N SER B 195 16.27 15.16 -32.74
CA SER B 195 17.52 15.90 -32.78
C SER B 195 17.32 17.35 -33.19
N SER B 196 16.31 17.62 -34.02
CA SER B 196 16.06 18.98 -34.46
C SER B 196 15.64 19.88 -33.31
N SER B 197 15.02 19.31 -32.27
CA SER B 197 14.52 20.08 -31.14
C SER B 197 15.61 20.44 -30.14
N LEU B 198 16.85 19.97 -30.34
CA LEU B 198 17.90 20.24 -29.37
C LEU B 198 18.25 21.71 -29.27
N GLY B 199 18.06 22.47 -30.34
CA GLY B 199 18.39 23.88 -30.33
C GLY B 199 17.20 24.79 -30.11
N THR B 200 15.99 24.22 -30.13
CA THR B 200 14.77 24.99 -30.02
C THR B 200 13.88 24.57 -28.85
N GLN B 201 14.29 23.59 -28.04
CA GLN B 201 13.51 23.17 -26.89
C GLN B 201 14.43 22.87 -25.73
N THR B 202 14.06 23.34 -24.54
CA THR B 202 14.86 23.17 -23.33
C THR B 202 14.36 21.96 -22.55
N TYR B 203 15.29 21.13 -22.09
CA TYR B 203 14.96 19.92 -21.35
C TYR B 203 15.60 20.00 -19.97
N ILE B 204 14.76 20.05 -18.94
CA ILE B 204 15.21 20.12 -17.55
C ILE B 204 14.64 18.90 -16.82
N CYS B 205 15.51 18.18 -16.12
CA CYS B 205 15.10 17.05 -15.30
C CYS B 205 14.91 17.51 -13.86
N ASN B 206 13.81 17.09 -13.25
CA ASN B 206 13.44 17.51 -11.89
C ASN B 206 13.53 16.30 -10.98
N VAL B 207 14.54 16.29 -10.11
CA VAL B 207 14.78 15.20 -9.18
C VAL B 207 14.29 15.60 -7.80
N ASN B 208 13.58 14.68 -7.14
CA ASN B 208 13.07 14.93 -5.78
C ASN B 208 13.33 13.69 -4.94
N HIS B 209 14.15 13.84 -3.91
CA HIS B 209 14.46 12.78 -2.95
C HIS B 209 13.84 13.20 -1.62
N LYS B 210 12.62 12.71 -1.37
CA LYS B 210 11.90 13.11 -0.17
C LYS B 210 12.62 12.82 1.15
N PRO B 211 13.26 11.66 1.34
CA PRO B 211 13.91 11.40 2.64
C PRO B 211 14.96 12.42 3.04
N SER B 212 15.52 13.17 2.09
CA SER B 212 16.51 14.19 2.40
C SER B 212 16.05 15.60 2.05
N ASN B 213 14.78 15.77 1.65
CA ASN B 213 14.24 17.07 1.26
C ASN B 213 15.10 17.73 0.19
N THR B 214 15.63 16.91 -0.72
CA THR B 214 16.52 17.38 -1.77
C THR B 214 15.73 17.50 -3.07
N LYS B 215 15.64 18.71 -3.61
CA LYS B 215 15.01 18.98 -4.89
C LYS B 215 16.05 19.65 -5.79
N VAL B 216 16.35 19.01 -6.92
CA VAL B 216 17.37 19.48 -7.84
C VAL B 216 16.77 19.59 -9.23
N ASP B 217 16.96 20.73 -9.88
CA ASP B 217 16.57 20.95 -11.26
C ASP B 217 17.83 21.10 -12.10
N LYS B 218 17.98 20.25 -13.12
CA LYS B 218 19.19 20.19 -13.92
C LYS B 218 18.84 20.35 -15.39
N LYS B 219 19.36 21.41 -16.01
CA LYS B 219 19.16 21.62 -17.44
C LYS B 219 20.18 20.78 -18.22
N VAL B 220 19.68 19.97 -19.14
CA VAL B 220 20.52 19.09 -19.95
C VAL B 220 20.72 19.75 -21.31
N GLU B 221 21.98 19.99 -21.66
CA GLU B 221 22.36 20.67 -22.89
C GLU B 221 23.34 19.82 -23.67
N PRO B 222 23.47 20.06 -24.99
CA PRO B 222 24.57 19.50 -25.77
C PRO B 222 25.86 20.29 -25.59
N VAL C 3 -2.98 -16.83 5.36
CA VAL C 3 -3.66 -15.89 4.47
C VAL C 3 -4.47 -16.65 3.42
N LEU C 4 -4.90 -15.94 2.38
CA LEU C 4 -5.61 -16.56 1.28
C LEU C 4 -4.62 -17.15 0.29
N THR C 5 -4.78 -18.43 -0.03
CA THR C 5 -3.87 -19.12 -0.93
C THR C 5 -4.16 -18.72 -2.38
N GLN C 6 -3.10 -18.36 -3.10
CA GLN C 6 -3.20 -17.82 -4.44
C GLN C 6 -1.99 -18.31 -5.24
N PRO C 7 -2.19 -18.74 -6.49
CA PRO C 7 -1.07 -19.31 -7.24
C PRO C 7 0.01 -18.27 -7.51
N PRO C 8 1.27 -18.69 -7.60
CA PRO C 8 2.35 -17.72 -7.82
C PRO C 8 2.32 -17.08 -9.20
N LEU C 9 2.34 -17.90 -10.24
CA LEU C 9 2.33 -17.41 -11.61
C LEU C 9 1.17 -18.01 -12.39
N VAL C 10 0.61 -17.21 -13.29
CA VAL C 10 -0.36 -17.63 -14.29
C VAL C 10 0.05 -16.98 -15.61
N SER C 11 -0.05 -17.72 -16.71
CA SER C 11 0.43 -17.22 -17.99
C SER C 11 -0.49 -17.67 -19.11
N GLY C 12 -0.35 -17.00 -20.25
CA GLY C 12 -1.12 -17.33 -21.43
C GLY C 12 -0.79 -16.38 -22.56
N THR C 13 -1.08 -16.82 -23.77
CA THR C 13 -0.88 -16.01 -24.96
C THR C 13 -2.07 -15.10 -25.17
N PRO C 14 -1.91 -14.02 -25.97
CA PRO C 14 -3.03 -13.11 -26.20
C PRO C 14 -4.23 -13.82 -26.82
N GLY C 15 -5.42 -13.37 -26.43
CA GLY C 15 -6.66 -13.89 -26.94
C GLY C 15 -7.21 -15.11 -26.23
N GLN C 16 -6.45 -15.71 -25.32
CA GLN C 16 -6.90 -16.89 -24.59
C GLN C 16 -7.25 -16.51 -23.15
N THR C 17 -8.03 -17.37 -22.51
CA THR C 17 -8.57 -17.09 -21.19
C THR C 17 -7.67 -17.70 -20.11
N VAL C 18 -7.55 -16.98 -18.99
CA VAL C 18 -6.77 -17.45 -17.84
C VAL C 18 -7.63 -17.39 -16.59
N THR C 19 -7.29 -18.23 -15.62
CA THR C 19 -8.03 -18.33 -14.37
C THR C 19 -7.07 -18.20 -13.20
N ILE C 20 -7.44 -17.39 -12.22
CA ILE C 20 -6.66 -17.19 -11.00
C ILE C 20 -7.55 -17.50 -9.81
N SER C 21 -7.08 -18.39 -8.93
CA SER C 21 -7.88 -18.88 -7.81
C SER C 21 -7.48 -18.20 -6.51
N CYS C 22 -8.43 -18.19 -5.56
CA CYS C 22 -8.25 -17.54 -4.26
C CYS C 22 -8.84 -18.47 -3.18
N ALA C 23 -8.03 -19.44 -2.74
CA ALA C 23 -8.47 -20.36 -1.71
C ALA C 23 -8.60 -19.66 -0.37
N GLY C 24 -9.71 -19.90 0.32
CA GLY C 24 -9.98 -19.26 1.59
C GLY C 24 -10.43 -20.25 2.65
N ALA C 25 -10.71 -19.72 3.83
CA ALA C 25 -11.18 -20.49 4.98
C ALA C 25 -12.60 -20.05 5.34
N ASN C 26 -13.12 -20.64 6.42
CA ASN C 26 -14.50 -20.36 6.80
C ASN C 26 -14.66 -19.00 7.48
N ASN C 27 -13.60 -18.51 8.14
CA ASN C 27 -13.68 -17.23 8.85
C ASN C 27 -13.42 -16.04 7.93
N ASP C 28 -13.08 -16.27 6.68
CA ASP C 28 -12.92 -15.16 5.74
C ASP C 28 -13.92 -15.24 4.60
N ILE C 29 -13.60 -16.03 3.57
CA ILE C 29 -14.49 -16.13 2.41
C ILE C 29 -15.81 -16.79 2.79
N GLY C 30 -15.78 -17.75 3.71
CA GLY C 30 -16.97 -18.49 4.08
C GLY C 30 -17.99 -17.69 4.87
N THR C 31 -17.61 -16.53 5.40
CA THR C 31 -18.53 -15.74 6.21
C THR C 31 -19.60 -15.06 5.37
N TYR C 32 -19.21 -14.08 4.55
CA TYR C 32 -20.17 -13.29 3.80
C TYR C 32 -19.83 -13.18 2.31
N ALA C 33 -18.78 -13.88 1.86
CA ALA C 33 -18.36 -13.84 0.47
C ALA C 33 -18.09 -12.42 0.01
N TYR C 34 -17.45 -11.62 0.87
CA TYR C 34 -16.99 -10.29 0.50
C TYR C 34 -15.58 -10.40 -0.08
N VAL C 35 -15.52 -10.98 -1.28
CA VAL C 35 -14.27 -11.27 -1.96
C VAL C 35 -14.05 -10.23 -3.05
N SER C 36 -12.94 -9.51 -2.98
CA SER C 36 -12.59 -8.48 -3.95
C SER C 36 -11.32 -8.87 -4.69
N TRP C 37 -11.14 -8.27 -5.87
CA TRP C 37 -9.98 -8.53 -6.71
C TRP C 37 -9.34 -7.21 -7.11
N TYR C 38 -8.01 -7.20 -7.20
CA TYR C 38 -7.26 -5.99 -7.46
C TYR C 38 -6.18 -6.27 -8.50
N GLN C 39 -5.90 -5.25 -9.31
CA GLN C 39 -4.82 -5.29 -10.29
C GLN C 39 -3.79 -4.23 -9.92
N GLN C 40 -2.51 -4.61 -9.98
CA GLN C 40 -1.43 -3.69 -9.63
C GLN C 40 -0.35 -3.77 -10.70
N LEU C 41 0.00 -2.62 -11.27
CA LEU C 41 1.13 -2.43 -12.15
C LEU C 41 2.32 -1.90 -11.36
N PRO C 42 3.55 -2.18 -11.79
CA PRO C 42 4.72 -1.79 -11.01
C PRO C 42 4.77 -0.29 -10.74
N GLY C 43 5.11 0.07 -9.51
CA GLY C 43 5.24 1.45 -9.12
C GLY C 43 3.94 2.18 -8.86
N THR C 44 2.80 1.49 -8.95
CA THR C 44 1.51 2.12 -8.77
C THR C 44 0.69 1.32 -7.76
N ALA C 45 -0.34 1.99 -7.23
CA ALA C 45 -1.23 1.39 -6.24
C ALA C 45 -2.16 0.37 -6.89
N PRO C 46 -2.65 -0.60 -6.12
CA PRO C 46 -3.59 -1.59 -6.68
C PRO C 46 -4.87 -0.91 -7.15
N LYS C 47 -5.48 -1.50 -8.18
CA LYS C 47 -6.69 -0.96 -8.78
C LYS C 47 -7.82 -1.96 -8.55
N LEU C 48 -8.91 -1.50 -7.93
CA LEU C 48 -10.05 -2.36 -7.66
C LEU C 48 -10.68 -2.82 -8.97
N LEU C 49 -10.79 -4.14 -9.15
CA LEU C 49 -11.42 -4.73 -10.31
C LEU C 49 -12.81 -5.26 -9.99
N ILE C 50 -12.90 -6.18 -9.04
CA ILE C 50 -14.13 -6.85 -8.67
C ILE C 50 -14.32 -6.73 -7.16
N TYR C 51 -15.56 -6.61 -6.73
CA TYR C 51 -15.91 -6.66 -5.32
C TYR C 51 -17.19 -7.46 -5.14
N LYS C 52 -17.34 -8.04 -3.95
CA LYS C 52 -18.43 -8.97 -3.64
C LYS C 52 -18.50 -10.08 -4.68
N VAL C 53 -17.34 -10.71 -4.92
CA VAL C 53 -17.20 -11.92 -5.73
C VAL C 53 -17.41 -11.64 -7.22
N THR C 54 -18.57 -11.08 -7.58
CA THR C 54 -18.93 -10.94 -8.98
C THR C 54 -19.02 -9.52 -9.49
N THR C 55 -19.36 -8.55 -8.64
CA THR C 55 -19.64 -7.20 -9.11
C THR C 55 -18.38 -6.53 -9.62
N ARG C 56 -18.45 -6.00 -10.84
CA ARG C 56 -17.34 -5.28 -11.45
C ARG C 56 -17.42 -3.79 -11.12
N ALA C 57 -16.26 -3.19 -10.89
CA ALA C 57 -16.21 -1.75 -10.67
C ALA C 57 -16.45 -1.00 -11.97
N SER C 58 -16.75 0.29 -11.84
CA SER C 58 -16.99 1.12 -13.02
C SER C 58 -15.76 1.18 -13.90
N GLY C 59 -15.97 1.01 -15.21
CA GLY C 59 -14.89 1.04 -16.17
C GLY C 59 -14.15 -0.27 -16.36
N ILE C 60 -14.43 -1.28 -15.54
CA ILE C 60 -13.78 -2.58 -15.69
C ILE C 60 -14.48 -3.37 -16.79
N PRO C 61 -13.76 -3.85 -17.79
CA PRO C 61 -14.41 -4.57 -18.89
C PRO C 61 -15.04 -5.87 -18.42
N SER C 62 -15.97 -6.36 -19.25
CA SER C 62 -16.70 -7.58 -18.92
C SER C 62 -15.82 -8.82 -18.99
N ARG C 63 -14.71 -8.78 -19.75
CA ARG C 63 -13.87 -9.97 -19.87
C ARG C 63 -13.24 -10.36 -18.53
N PHE C 64 -13.06 -9.39 -17.63
CA PHE C 64 -12.74 -9.70 -16.24
C PHE C 64 -13.99 -10.22 -15.56
N SER C 65 -13.93 -11.43 -15.01
CA SER C 65 -15.10 -12.07 -14.43
C SER C 65 -14.77 -12.60 -13.04
N GLY C 66 -15.76 -12.56 -12.16
CA GLY C 66 -15.63 -13.03 -10.79
C GLY C 66 -16.47 -14.27 -10.56
N SER C 67 -15.81 -15.32 -10.07
CA SER C 67 -16.45 -16.60 -9.79
C SER C 67 -16.07 -17.06 -8.40
N LYS C 68 -16.86 -17.99 -7.86
CA LYS C 68 -16.64 -18.49 -6.51
C LYS C 68 -17.33 -19.83 -6.35
N SER C 69 -16.65 -20.77 -5.69
CA SER C 69 -17.21 -22.08 -5.42
C SER C 69 -16.59 -22.61 -4.13
N GLY C 70 -17.43 -22.97 -3.17
CA GLY C 70 -16.91 -23.40 -1.89
C GLY C 70 -16.31 -22.22 -1.15
N ASN C 71 -15.07 -22.38 -0.69
CA ASN C 71 -14.31 -21.30 -0.07
C ASN C 71 -13.27 -20.70 -1.03
N THR C 72 -13.35 -21.03 -2.31
CA THR C 72 -12.37 -20.60 -3.29
C THR C 72 -13.04 -19.70 -4.32
N ALA C 73 -12.52 -18.50 -4.49
CA ALA C 73 -12.96 -17.58 -5.53
C ALA C 73 -11.98 -17.63 -6.70
N SER C 74 -12.50 -17.37 -7.89
CA SER C 74 -11.69 -17.41 -9.10
C SER C 74 -11.88 -16.13 -9.91
N LEU C 75 -10.77 -15.61 -10.43
CA LEU C 75 -10.79 -14.46 -11.33
C LEU C 75 -10.52 -14.96 -12.75
N THR C 76 -11.45 -14.68 -13.66
CA THR C 76 -11.36 -15.13 -15.04
C THR C 76 -11.16 -13.91 -15.93
N ILE C 77 -10.07 -13.90 -16.70
CA ILE C 77 -9.74 -12.82 -17.62
C ILE C 77 -9.84 -13.37 -19.03
N SER C 78 -10.86 -12.96 -19.76
CA SER C 78 -11.05 -13.38 -21.14
C SER C 78 -10.35 -12.42 -22.09
N GLY C 79 -10.06 -12.91 -23.29
CA GLY C 79 -9.41 -12.12 -24.32
C GLY C 79 -8.14 -11.44 -23.84
N LEU C 80 -7.16 -12.24 -23.42
CA LEU C 80 -5.97 -11.71 -22.79
C LEU C 80 -5.24 -10.74 -23.72
N GLN C 81 -4.83 -9.60 -23.17
CA GLN C 81 -4.06 -8.60 -23.89
C GLN C 81 -2.65 -8.51 -23.32
N SER C 82 -1.73 -8.01 -24.14
CA SER C 82 -0.37 -7.81 -23.66
C SER C 82 -0.33 -6.82 -22.50
N GLU C 83 -1.26 -5.87 -22.46
CA GLU C 83 -1.32 -4.88 -21.40
C GLU C 83 -1.85 -5.47 -20.09
N ASP C 84 -2.38 -6.69 -20.10
CA ASP C 84 -2.95 -7.30 -18.91
C ASP C 84 -1.90 -7.86 -17.96
N GLU C 85 -0.62 -7.85 -18.34
CA GLU C 85 0.43 -8.40 -17.48
C GLU C 85 0.58 -7.54 -16.24
N ALA C 86 0.23 -8.10 -15.08
CA ALA C 86 0.29 -7.36 -13.82
C ALA C 86 0.22 -8.36 -12.67
N ASP C 87 0.28 -7.84 -11.45
CA ASP C 87 0.06 -8.63 -10.25
C ASP C 87 -1.41 -8.51 -9.85
N TYR C 88 -2.06 -9.65 -9.62
CA TYR C 88 -3.48 -9.68 -9.31
C TYR C 88 -3.67 -10.23 -7.91
N TYR C 89 -4.33 -9.45 -7.05
CA TYR C 89 -4.57 -9.80 -5.66
C TYR C 89 -6.05 -10.05 -5.41
N CYS C 90 -6.34 -11.03 -4.56
CA CYS C 90 -7.68 -11.21 -4.02
C CYS C 90 -7.67 -10.80 -2.55
N ALA C 91 -8.81 -10.29 -2.09
CA ALA C 91 -8.98 -9.91 -0.70
C ALA C 91 -10.35 -10.37 -0.22
N SER C 92 -10.45 -10.63 1.08
CA SER C 92 -11.68 -11.12 1.66
C SER C 92 -11.90 -10.49 3.02
N TYR C 93 -13.17 -10.27 3.35
CA TYR C 93 -13.52 -9.86 4.70
C TYR C 93 -13.27 -11.01 5.66
N ARG C 94 -12.69 -10.70 6.82
CA ARG C 94 -12.43 -11.69 7.86
C ARG C 94 -13.10 -11.23 9.14
N ASN C 95 -13.87 -12.13 9.76
CA ASN C 95 -14.56 -11.81 11.00
C ASN C 95 -13.56 -11.65 12.13
N PHE C 96 -13.69 -10.56 12.89
CA PHE C 96 -14.70 -9.53 12.71
C PHE C 96 -14.07 -8.19 12.34
N ASN C 97 -14.60 -7.57 11.29
CA ASN C 97 -14.10 -6.29 10.78
C ASN C 97 -12.60 -6.35 10.49
N ASN C 98 -12.17 -7.44 9.87
CA ASN C 98 -10.81 -7.60 9.38
C ASN C 98 -10.85 -7.89 7.89
N ALA C 99 -9.72 -7.62 7.24
CA ALA C 99 -9.54 -7.93 5.83
C ALA C 99 -8.19 -8.61 5.64
N VAL C 100 -8.12 -9.53 4.68
CA VAL C 100 -6.91 -10.29 4.42
C VAL C 100 -6.72 -10.42 2.92
N PHE C 101 -5.48 -10.25 2.48
CA PHE C 101 -5.11 -10.35 1.08
C PHE C 101 -4.35 -11.64 0.83
N GLY C 102 -4.46 -12.14 -0.41
CA GLY C 102 -3.62 -13.23 -0.84
C GLY C 102 -2.21 -12.76 -1.18
N ARG C 103 -1.30 -13.73 -1.33
CA ARG C 103 0.07 -13.38 -1.67
C ARG C 103 0.15 -12.69 -3.03
N GLY C 104 -0.78 -12.99 -3.91
CA GLY C 104 -0.80 -12.38 -5.23
C GLY C 104 -0.37 -13.35 -6.32
N THR C 105 -0.82 -13.06 -7.54
CA THR C 105 -0.48 -13.85 -8.71
C THR C 105 0.02 -12.90 -9.79
N HIS C 106 1.15 -13.23 -10.40
CA HIS C 106 1.66 -12.46 -11.52
C HIS C 106 1.19 -13.11 -12.82
N LEU C 107 0.40 -12.36 -13.59
CA LEU C 107 -0.07 -12.81 -14.89
C LEU C 107 0.95 -12.40 -15.95
N THR C 108 1.60 -13.39 -16.56
CA THR C 108 2.60 -13.13 -17.59
C THR C 108 2.00 -13.43 -18.95
N VAL C 109 2.00 -12.43 -19.83
CA VAL C 109 1.51 -12.60 -21.20
C VAL C 109 2.70 -13.04 -22.05
N LEU C 110 2.64 -14.27 -22.55
CA LEU C 110 3.74 -14.86 -23.30
C LEU C 110 3.45 -14.79 -24.80
N GLY C 111 4.45 -15.22 -25.58
CA GLY C 111 4.34 -15.28 -27.02
C GLY C 111 4.96 -14.12 -27.76
N GLN C 112 5.52 -13.14 -27.06
CA GLN C 112 6.13 -12.01 -27.74
C GLN C 112 7.46 -12.44 -28.38
N PRO C 113 7.80 -11.87 -29.53
CA PRO C 113 9.03 -12.26 -30.20
C PRO C 113 10.27 -11.85 -29.42
N LYS C 114 11.38 -12.49 -29.74
CA LYS C 114 12.66 -12.15 -29.15
C LYS C 114 13.19 -10.86 -29.75
N ALA C 115 13.83 -10.04 -28.93
CA ALA C 115 14.29 -8.73 -29.34
C ALA C 115 15.70 -8.48 -28.85
N ALA C 116 16.55 -7.96 -29.73
CA ALA C 116 17.90 -7.59 -29.32
C ALA C 116 17.85 -6.31 -28.49
N PRO C 117 18.80 -6.14 -27.56
CA PRO C 117 18.77 -4.97 -26.68
C PRO C 117 19.26 -3.71 -27.38
N SER C 118 18.62 -2.60 -27.05
CA SER C 118 19.08 -1.28 -27.47
C SER C 118 19.95 -0.70 -26.37
N VAL C 119 21.18 -0.34 -26.71
CA VAL C 119 22.18 0.10 -25.73
C VAL C 119 22.48 1.57 -25.97
N THR C 120 22.53 2.35 -24.88
CA THR C 120 22.92 3.75 -24.91
C THR C 120 23.98 3.97 -23.86
N LEU C 121 25.15 4.48 -24.27
CA LEU C 121 26.29 4.65 -23.40
C LEU C 121 26.60 6.13 -23.26
N PHE C 122 26.66 6.61 -22.02
CA PHE C 122 26.95 8.01 -21.76
C PHE C 122 28.34 8.16 -21.17
N PRO C 123 29.16 9.07 -21.69
CA PRO C 123 30.45 9.35 -21.07
C PRO C 123 30.28 10.16 -19.80
N PRO C 124 31.34 10.35 -19.01
CA PRO C 124 31.21 11.17 -17.80
C PRO C 124 30.88 12.60 -18.17
N SER C 125 29.97 13.20 -17.41
CA SER C 125 29.60 14.59 -17.63
C SER C 125 30.75 15.51 -17.27
N SER C 126 30.81 16.66 -17.93
CA SER C 126 31.84 17.65 -17.63
C SER C 126 31.73 18.14 -16.19
N GLU C 127 30.52 18.15 -15.63
CA GLU C 127 30.35 18.56 -14.24
C GLU C 127 30.87 17.50 -13.28
N GLU C 128 30.61 16.22 -13.57
CA GLU C 128 31.10 15.16 -12.71
C GLU C 128 32.62 15.10 -12.71
N LEU C 129 33.25 15.30 -13.88
CA LEU C 129 34.71 15.34 -13.93
C LEU C 129 35.25 16.52 -13.12
N GLN C 130 34.51 17.62 -13.06
CA GLN C 130 34.92 18.75 -12.22
C GLN C 130 34.91 18.36 -10.75
N ALA C 131 34.01 17.45 -10.36
CA ALA C 131 33.95 16.95 -8.99
C ALA C 131 34.94 15.80 -8.75
N ASN C 132 35.93 15.64 -9.63
CA ASN C 132 36.95 14.60 -9.52
C ASN C 132 36.34 13.21 -9.47
N LYS C 133 35.24 13.01 -10.21
CA LYS C 133 34.59 11.71 -10.33
C LYS C 133 34.29 11.44 -11.80
N ALA C 134 34.01 10.19 -12.12
CA ALA C 134 33.70 9.79 -13.48
C ALA C 134 32.84 8.53 -13.47
N THR C 135 31.73 8.57 -14.20
CA THR C 135 30.83 7.44 -14.27
C THR C 135 30.39 7.23 -15.71
N LEU C 136 30.53 6.00 -16.18
CA LEU C 136 30.00 5.60 -17.49
C LEU C 136 28.63 4.98 -17.28
N VAL C 137 27.62 5.53 -17.95
CA VAL C 137 26.24 5.09 -17.78
C VAL C 137 25.84 4.32 -19.03
N CYS C 138 25.68 3.01 -18.88
CA CYS C 138 25.27 2.13 -19.97
C CYS C 138 23.85 1.65 -19.69
N LEU C 139 22.94 1.96 -20.60
CA LEU C 139 21.51 1.72 -20.39
C LEU C 139 20.98 0.77 -21.45
N ILE C 140 20.45 -0.36 -21.00
CA ILE C 140 19.98 -1.44 -21.87
C ILE C 140 18.46 -1.51 -21.75
N SER C 141 17.79 -1.65 -22.89
CA SER C 141 16.33 -1.64 -22.88
C SER C 141 15.80 -2.38 -24.10
N ASP C 142 14.50 -2.73 -24.02
CA ASP C 142 13.74 -3.28 -25.14
C ASP C 142 14.29 -4.62 -25.60
N PHE C 143 14.62 -5.49 -24.66
CA PHE C 143 15.12 -6.81 -25.02
C PHE C 143 14.27 -7.89 -24.38
N TYR C 144 14.20 -9.04 -25.06
CA TYR C 144 13.52 -10.24 -24.60
C TYR C 144 14.21 -11.49 -25.17
N PRO C 145 14.44 -12.55 -24.36
CA PRO C 145 14.08 -12.72 -22.93
C PRO C 145 14.87 -11.80 -22.00
N GLY C 146 14.57 -11.81 -20.70
CA GLY C 146 15.17 -10.87 -19.78
C GLY C 146 16.43 -11.36 -19.11
N ALA C 147 17.45 -11.70 -19.90
CA ALA C 147 18.72 -12.16 -19.36
C ALA C 147 19.83 -11.68 -20.29
N VAL C 148 20.67 -10.77 -19.79
CA VAL C 148 21.80 -10.26 -20.54
C VAL C 148 23.04 -10.29 -19.66
N THR C 149 24.20 -10.36 -20.30
CA THR C 149 25.48 -10.25 -19.63
C THR C 149 26.16 -8.98 -20.10
N VAL C 150 26.63 -8.16 -19.15
CA VAL C 150 27.24 -6.87 -19.44
C VAL C 150 28.74 -6.99 -19.19
N ALA C 151 29.54 -6.67 -20.21
CA ALA C 151 30.99 -6.67 -20.10
C ALA C 151 31.52 -5.28 -20.44
N TRP C 152 32.49 -4.83 -19.65
CA TRP C 152 33.12 -3.53 -19.85
C TRP C 152 34.55 -3.73 -20.32
N LYS C 153 34.98 -2.89 -21.26
CA LYS C 153 36.32 -2.99 -21.85
C LYS C 153 37.00 -1.65 -21.79
N ALA C 154 38.17 -1.61 -21.16
CA ALA C 154 39.08 -0.47 -21.26
C ALA C 154 40.03 -0.73 -22.42
N ASP C 155 39.94 0.10 -23.46
CA ASP C 155 40.54 -0.19 -24.76
C ASP C 155 40.02 -1.54 -25.24
N SER C 156 40.81 -2.59 -25.09
CA SER C 156 40.36 -3.94 -25.35
C SER C 156 40.51 -4.86 -24.14
N SER C 157 40.99 -4.35 -23.02
CA SER C 157 41.16 -5.16 -21.83
C SER C 157 39.91 -5.13 -20.96
N PRO C 158 39.51 -6.27 -20.39
CA PRO C 158 38.34 -6.28 -19.51
C PRO C 158 38.57 -5.43 -18.28
N VAL C 159 37.47 -4.85 -17.78
CA VAL C 159 37.51 -4.00 -16.59
C VAL C 159 37.22 -4.88 -15.38
N LYS C 160 38.17 -4.95 -14.46
CA LYS C 160 38.12 -5.88 -13.34
C LYS C 160 37.49 -5.30 -12.08
N ALA C 161 37.14 -4.00 -12.08
CA ALA C 161 36.61 -3.39 -10.87
C ALA C 161 35.73 -2.21 -11.24
N GLY C 162 34.87 -1.82 -10.28
CA GLY C 162 34.04 -0.65 -10.44
C GLY C 162 32.79 -0.81 -11.26
N VAL C 163 32.32 -2.05 -11.44
CA VAL C 163 31.15 -2.32 -12.27
C VAL C 163 29.99 -2.71 -11.37
N GLU C 164 28.86 -2.01 -11.53
CA GLU C 164 27.62 -2.31 -10.83
C GLU C 164 26.52 -2.51 -11.88
N THR C 165 25.73 -3.56 -11.73
CA THR C 165 24.73 -3.92 -12.73
C THR C 165 23.45 -4.38 -12.07
N THR C 166 22.31 -3.97 -12.64
CA THR C 166 21.01 -4.33 -12.13
C THR C 166 20.59 -5.72 -12.59
N THR C 167 19.52 -6.21 -11.99
CA THR C 167 18.76 -7.34 -12.51
C THR C 167 17.78 -6.83 -13.57
N PRO C 168 17.65 -7.54 -14.69
CA PRO C 168 16.70 -7.10 -15.72
C PRO C 168 15.28 -7.02 -15.18
N SER C 169 14.59 -5.94 -15.54
CA SER C 169 13.22 -5.68 -15.10
C SER C 169 12.37 -5.30 -16.30
N LYS C 170 11.10 -5.70 -16.26
CA LYS C 170 10.21 -5.52 -17.40
C LYS C 170 9.74 -4.07 -17.50
N GLN C 171 9.83 -3.50 -18.69
CA GLN C 171 9.28 -2.18 -18.96
C GLN C 171 7.76 -2.25 -19.04
N SER C 172 7.14 -1.11 -19.34
CA SER C 172 5.69 -1.08 -19.52
C SER C 172 5.26 -1.73 -20.82
N ASN C 173 6.18 -1.92 -21.77
CA ASN C 173 5.90 -2.68 -22.98
C ASN C 173 6.20 -4.16 -22.82
N ASN C 174 6.42 -4.63 -21.59
CA ASN C 174 6.70 -6.02 -21.26
C ASN C 174 7.95 -6.55 -21.94
N LYS C 175 8.84 -5.66 -22.37
CA LYS C 175 10.22 -5.99 -22.66
C LYS C 175 11.07 -5.60 -21.45
N TYR C 176 12.31 -6.06 -21.45
CA TYR C 176 13.16 -5.90 -20.27
C TYR C 176 14.12 -4.72 -20.44
N ALA C 177 14.61 -4.22 -19.30
CA ALA C 177 15.56 -3.13 -19.28
C ALA C 177 16.51 -3.34 -18.11
N ALA C 178 17.72 -2.83 -18.25
CA ALA C 178 18.74 -2.98 -17.21
C ALA C 178 19.75 -1.85 -17.32
N SER C 179 20.42 -1.58 -16.21
CA SER C 179 21.43 -0.52 -16.14
C SER C 179 22.77 -1.11 -15.73
N SER C 180 23.84 -0.43 -16.11
CA SER C 180 25.19 -0.81 -15.74
C SER C 180 26.03 0.44 -15.59
N TYR C 181 26.76 0.54 -14.48
CA TYR C 181 27.57 1.70 -14.17
C TYR C 181 29.02 1.30 -13.96
N LEU C 182 29.94 2.09 -14.52
CA LEU C 182 31.37 1.89 -14.35
C LEU C 182 31.96 3.12 -13.67
N SER C 183 32.40 2.96 -12.43
CA SER C 183 33.04 4.04 -11.69
C SER C 183 34.52 4.09 -12.03
N LEU C 184 34.99 5.27 -12.45
CA LEU C 184 36.37 5.47 -12.83
C LEU C 184 36.88 6.74 -12.20
N THR C 185 38.20 6.80 -11.99
CA THR C 185 38.81 8.06 -11.66
C THR C 185 39.00 8.88 -12.93
N PRO C 186 38.92 10.22 -12.83
CA PRO C 186 39.13 11.05 -14.04
C PRO C 186 40.46 10.78 -14.73
N GLU C 187 41.47 10.36 -13.98
CA GLU C 187 42.75 10.02 -14.58
C GLU C 187 42.64 8.73 -15.41
N GLN C 188 41.87 7.76 -14.93
CA GLN C 188 41.67 6.52 -15.68
C GLN C 188 40.87 6.78 -16.96
N TRP C 189 39.87 7.67 -16.89
CA TRP C 189 39.03 7.94 -18.05
C TRP C 189 39.83 8.58 -19.17
N LYS C 190 40.82 9.40 -18.84
CA LYS C 190 41.67 10.02 -19.86
C LYS C 190 42.81 9.11 -20.30
N SER C 191 43.23 8.16 -19.46
CA SER C 191 44.39 7.34 -19.79
C SER C 191 44.14 6.46 -21.01
N HIS C 192 42.92 5.94 -21.14
CA HIS C 192 42.62 4.98 -22.19
C HIS C 192 42.11 5.67 -23.45
N ARG C 193 42.23 4.95 -24.57
CA ARG C 193 41.75 5.47 -25.84
C ARG C 193 40.24 5.59 -25.84
N SER C 194 39.54 4.57 -25.36
CA SER C 194 38.09 4.57 -25.30
C SER C 194 37.62 3.49 -24.36
N TYR C 195 36.37 3.61 -23.92
CA TYR C 195 35.71 2.59 -23.13
C TYR C 195 34.49 2.08 -23.89
N SER C 196 34.13 0.82 -23.64
CA SER C 196 33.04 0.19 -24.37
C SER C 196 32.16 -0.61 -23.41
N CYS C 197 30.85 -0.56 -23.66
CA CYS C 197 29.87 -1.36 -22.93
C CYS C 197 29.37 -2.44 -23.88
N GLN C 198 29.70 -3.70 -23.57
CA GLN C 198 29.33 -4.84 -24.39
C GLN C 198 28.21 -5.60 -23.69
N VAL C 199 27.07 -5.73 -24.36
CA VAL C 199 25.90 -6.41 -23.82
C VAL C 199 25.65 -7.64 -24.68
N THR C 200 25.67 -8.82 -24.06
CA THR C 200 25.45 -10.08 -24.75
C THR C 200 24.04 -10.58 -24.45
N HIS C 201 23.32 -10.97 -25.51
CA HIS C 201 21.92 -11.38 -25.41
C HIS C 201 21.67 -12.51 -26.41
N GLU C 202 21.40 -13.70 -25.90
CA GLU C 202 21.06 -14.87 -26.73
C GLU C 202 22.17 -15.22 -27.71
N GLY C 203 23.42 -15.02 -27.31
CA GLY C 203 24.56 -15.39 -28.12
C GLY C 203 25.20 -14.25 -28.91
N SER C 204 24.46 -13.18 -29.17
CA SER C 204 24.97 -12.03 -29.90
C SER C 204 25.30 -10.89 -28.94
N THR C 205 26.07 -9.93 -29.45
CA THR C 205 26.58 -8.83 -28.63
C THR C 205 26.27 -7.49 -29.28
N VAL C 206 25.66 -6.59 -28.52
CA VAL C 206 25.47 -5.20 -28.91
C VAL C 206 26.50 -4.36 -28.16
N GLU C 207 27.05 -3.34 -28.83
CA GLU C 207 28.19 -2.62 -28.27
C GLU C 207 28.09 -1.13 -28.57
N LYS C 208 28.41 -0.32 -27.57
CA LYS C 208 28.56 1.12 -27.72
C LYS C 208 29.92 1.54 -27.17
N THR C 209 30.43 2.66 -27.67
CA THR C 209 31.77 3.10 -27.32
C THR C 209 31.78 4.60 -27.06
N VAL C 210 32.48 5.00 -26.00
CA VAL C 210 32.69 6.41 -25.66
C VAL C 210 34.18 6.64 -25.45
N ALA C 211 34.62 7.87 -25.69
CA ALA C 211 36.03 8.22 -25.60
C ALA C 211 36.14 9.65 -25.08
N PRO C 212 37.20 9.96 -24.30
CA PRO C 212 37.42 11.32 -23.80
C PRO C 212 37.83 12.29 -24.89
#